data_3SDF
#
_entry.id   3SDF
#
_cell.length_a   63.417
_cell.length_b   50.398
_cell.length_c   65.944
_cell.angle_alpha   90.00
_cell.angle_beta   107.72
_cell.angle_gamma   90.00
#
_symmetry.space_group_name_H-M   'P 1 21 1'
#
loop_
_entity.id
_entity.type
_entity.pdbx_description
1 polymer Lactotransferrin
2 branched beta-D-mannopyranose-(1-4)-2-acetamido-2-deoxy-beta-D-glucopyranose-(1-4)-2-acetamido-2-deoxy-beta-D-glucopyranose
3 branched 2-acetamido-2-deoxy-beta-D-glucopyranose-(1-4)-2-acetamido-2-deoxy-beta-D-glucopyranose
4 non-polymer 'ZINC ION'
5 non-polymer 'FE (III) ION'
6 non-polymer 'CARBONATE ION'
7 non-polymer 'SULFATE ION'
8 non-polymer 2-acetamido-2-deoxy-beta-D-glucopyranose
9 non-polymer '(2S)-1-({3-O-[2-(acetylamino)-4-amino-2,4,6-trideoxy-beta-D-galactopyranosyl]-alpha-D-glucopyranosyl}oxy)-3-(heptanoyloxy)propan-2-yl (7Z)-pentadec-7-enoate'
10 water water
#
_entity_poly.entity_id   1
_entity_poly.type   'polypeptide(L)'
_entity_poly.pdbx_seq_one_letter_code
;YTRVVWCAVGPEEQKKCQQWSQQSGQNVTCATASTTDDCIVLVLKGEADALNLDGGYIYTAGKCGLVPVLAENRKSSKHS
SLDCVLRPTEGYLAVAVVKKANEGLTWNSLKDKKSCHTAVDRTAGWNIPMGLIVNQTGSCAFDEFFSQSCAPGADPKSRL
CALCAGDDQGLDKCVPNSKEKYYGYTGAFRCLAEDVGDVAFVKNDTVWENTNGESTADWAKNLKREDFRLLCLDGTRKPV
TEAQSCHLAVAPNHAVVSRSDRAAHVEQVLLHQQALFGKNGKNCPDKFCLFKSETKNLLFNDNTECLAKLGGRPTYEEYL
GTEYVTAIANLKKCSTSPLLEACAF
;
_entity_poly.pdbx_strand_id   A
#
loop_
_chem_comp.id
_chem_comp.type
_chem_comp.name
_chem_comp.formula
BMA D-saccharide, beta linking beta-D-mannopyranose 'C6 H12 O6'
CO3 non-polymer 'CARBONATE ION' 'C O3 -2'
FE non-polymer 'FE (III) ION' 'Fe 3'
LTC non-polymer '(2S)-1-({3-O-[2-(acetylamino)-4-amino-2,4,6-trideoxy-beta-D-galactopyranosyl]-alpha-D-glucopyranosyl}oxy)-3-(heptanoyloxy)propan-2-yl (7Z)-pentadec-7-enoate' 'C39 H70 N2 O13'
NAG D-saccharide, beta linking 2-acetamido-2-deoxy-beta-D-glucopyranose 'C8 H15 N O6'
SO4 non-polymer 'SULFATE ION' 'O4 S -2'
ZN non-polymer 'ZINC ION' 'Zn 2'
#
# COMPACT_ATOMS: atom_id res chain seq x y z
N TYR A 1 20.65 6.56 -23.70
CA TYR A 1 20.75 5.25 -22.99
C TYR A 1 19.97 5.30 -21.67
N THR A 2 19.17 6.35 -21.52
CA THR A 2 18.39 6.60 -20.31
C THR A 2 17.04 5.97 -20.65
N ARG A 3 16.99 4.64 -20.61
CA ARG A 3 15.74 3.88 -20.65
C ARG A 3 15.53 3.12 -19.34
N VAL A 4 14.32 3.21 -18.80
CA VAL A 4 13.99 2.58 -17.52
C VAL A 4 12.90 1.51 -17.67
N VAL A 5 13.16 0.34 -17.10
CA VAL A 5 12.20 -0.76 -17.12
C VAL A 5 11.45 -0.82 -15.79
N TRP A 6 10.15 -0.52 -15.85
CA TRP A 6 9.30 -0.56 -14.67
C TRP A 6 8.77 -1.97 -14.44
N CYS A 7 8.58 -2.35 -13.18
CA CYS A 7 7.98 -3.66 -12.89
C CYS A 7 6.53 -3.50 -12.45
N ALA A 8 5.62 -4.04 -13.26
CA ALA A 8 4.20 -4.03 -12.97
C ALA A 8 3.81 -5.32 -12.24
N VAL A 9 2.93 -5.18 -11.26
CA VAL A 9 2.47 -6.33 -10.48
C VAL A 9 1.04 -6.70 -10.90
N GLY A 10 0.91 -7.77 -11.68
CA GLY A 10 -0.40 -8.21 -12.17
C GLY A 10 -0.80 -7.58 -13.50
N PRO A 11 -1.85 -8.13 -14.14
CA PRO A 11 -2.25 -7.69 -15.49
C PRO A 11 -2.84 -6.27 -15.58
N GLU A 12 -3.49 -5.79 -14.53
CA GLU A 12 -4.04 -4.43 -14.55
C GLU A 12 -2.93 -3.38 -14.55
N GLU A 13 -1.93 -3.58 -13.70
CA GLU A 13 -0.77 -2.68 -13.66
C GLU A 13 -0.01 -2.75 -14.98
N GLN A 14 0.09 -3.94 -15.56
CA GLN A 14 0.75 -4.14 -16.85
C GLN A 14 0.10 -3.25 -17.90
N LYS A 15 -1.24 -3.25 -17.92
CA LYS A 15 -2.01 -2.45 -18.85
C LYS A 15 -1.73 -0.95 -18.70
N LYS A 16 -1.70 -0.46 -17.46
CA LYS A 16 -1.39 0.95 -17.21
C LYS A 16 0.04 1.28 -17.62
N CYS A 17 0.96 0.36 -17.33
CA CYS A 17 2.36 0.54 -17.67
C CYS A 17 2.58 0.65 -19.18
N GLN A 18 1.90 -0.21 -19.94
CA GLN A 18 1.99 -0.19 -21.40
C GLN A 18 1.53 1.14 -21.99
N GLN A 19 0.46 1.69 -21.43
CA GLN A 19 -0.04 3.02 -21.82
C GLN A 19 1.02 4.08 -21.55
N TRP A 20 1.58 4.07 -20.35
CA TRP A 20 2.68 4.95 -19.96
C TRP A 20 3.86 4.79 -20.90
N SER A 21 4.22 3.54 -21.21
CA SER A 21 5.32 3.23 -22.11
C SER A 21 5.11 3.85 -23.49
N GLN A 22 3.91 3.70 -24.02
CA GLN A 22 3.54 4.26 -25.32
C GLN A 22 3.71 5.78 -25.33
N GLN A 23 3.14 6.43 -24.32
CA GLN A 23 3.19 7.89 -24.21
C GLN A 23 4.59 8.43 -23.93
N SER A 24 5.43 7.63 -23.28
CA SER A 24 6.79 8.04 -22.95
C SER A 24 7.74 7.89 -24.15
N GLY A 25 7.24 7.32 -25.23
CA GLY A 25 8.05 7.07 -26.42
C GLY A 25 9.16 6.07 -26.13
N GLN A 26 8.85 5.08 -25.29
CA GLN A 26 9.77 4.01 -24.93
C GLN A 26 10.85 4.43 -23.94
N ASN A 27 10.72 5.61 -23.32
CA ASN A 27 11.65 6.00 -22.26
C ASN A 27 11.46 5.10 -21.06
N VAL A 28 10.23 4.62 -20.90
CA VAL A 28 9.88 3.65 -19.89
C VAL A 28 9.31 2.45 -20.62
N THR A 29 9.78 1.26 -20.25
CA THR A 29 9.24 0.01 -20.78
C THR A 29 8.80 -0.84 -19.59
N CYS A 30 8.11 -1.95 -19.87
CA CYS A 30 7.48 -2.70 -18.79
C CYS A 30 7.90 -4.15 -18.66
N ALA A 31 8.09 -4.56 -17.41
CA ALA A 31 8.27 -5.95 -17.05
C ALA A 31 7.09 -6.27 -16.14
N THR A 32 6.62 -7.51 -16.17
CA THR A 32 5.46 -7.87 -15.35
C THR A 32 5.71 -9.15 -14.56
N ALA A 33 5.24 -9.16 -13.33
CA ALA A 33 5.31 -10.33 -12.46
C ALA A 33 3.99 -10.48 -11.72
N SER A 34 3.74 -11.67 -11.19
CA SER A 34 2.49 -11.97 -10.48
C SER A 34 2.44 -11.38 -9.07
N THR A 35 3.59 -11.26 -8.42
CA THR A 35 3.64 -10.73 -7.06
C THR A 35 4.72 -9.66 -6.93
N THR A 36 4.64 -8.88 -5.86
CA THR A 36 5.62 -7.83 -5.58
C THR A 36 7.00 -8.43 -5.34
N ASP A 37 7.04 -9.56 -4.63
CA ASP A 37 8.31 -10.26 -4.36
C ASP A 37 9.00 -10.69 -5.64
N ASP A 38 8.23 -11.16 -6.61
CA ASP A 38 8.77 -11.53 -7.91
C ASP A 38 9.33 -10.32 -8.63
N CYS A 39 8.66 -9.19 -8.49
CA CYS A 39 9.15 -7.94 -9.06
C CYS A 39 10.48 -7.53 -8.43
N ILE A 40 10.60 -7.73 -7.11
CA ILE A 40 11.86 -7.47 -6.40
C ILE A 40 12.98 -8.32 -6.98
N VAL A 41 12.68 -9.59 -7.24
CA VAL A 41 13.67 -10.52 -7.81
C VAL A 41 14.12 -10.06 -9.20
N LEU A 42 13.18 -9.58 -10.01
CA LEU A 42 13.51 -9.08 -11.34
C LEU A 42 14.47 -7.90 -11.27
N VAL A 43 14.23 -7.00 -10.31
CA VAL A 43 15.11 -5.85 -10.11
C VAL A 43 16.51 -6.30 -9.72
N LEU A 44 16.59 -7.25 -8.80
CA LEU A 44 17.87 -7.79 -8.35
C LEU A 44 18.68 -8.42 -9.48
N LYS A 45 17.98 -9.10 -10.39
CA LYS A 45 18.62 -9.74 -11.53
C LYS A 45 19.02 -8.72 -12.60
N GLY A 46 18.48 -7.52 -12.48
CA GLY A 46 18.75 -6.44 -13.44
C GLY A 46 17.87 -6.54 -14.67
N GLU A 47 16.78 -7.30 -14.56
CA GLU A 47 15.83 -7.45 -15.67
C GLU A 47 14.74 -6.39 -15.62
N ALA A 48 14.64 -5.72 -14.48
CA ALA A 48 13.77 -4.56 -14.30
C ALA A 48 14.56 -3.55 -13.47
N ASP A 49 14.16 -2.28 -13.52
CA ASP A 49 14.90 -1.23 -12.82
C ASP A 49 14.25 -0.75 -11.53
N ALA A 50 12.93 -0.60 -11.55
CA ALA A 50 12.24 0.00 -10.42
C ALA A 50 10.77 -0.34 -10.32
N LEU A 51 10.20 0.02 -9.17
CA LEU A 51 8.79 -0.07 -8.88
C LEU A 51 8.54 0.68 -7.58
N ASN A 52 7.28 1.06 -7.36
CA ASN A 52 6.86 1.77 -6.18
C ASN A 52 6.37 0.77 -5.13
N LEU A 53 6.90 0.85 -3.90
CA LEU A 53 6.60 -0.16 -2.88
C LEU A 53 6.05 0.41 -1.57
N ASP A 54 5.14 -0.34 -0.96
CA ASP A 54 4.69 -0.08 0.40
C ASP A 54 5.87 -0.26 1.34
N GLY A 55 5.81 0.43 2.48
CA GLY A 55 6.87 0.35 3.49
C GLY A 55 7.31 -1.06 3.85
N GLY A 56 6.35 -1.97 4.00
CA GLY A 56 6.64 -3.36 4.32
C GLY A 56 7.52 -4.05 3.30
N TYR A 57 7.28 -3.76 2.02
CA TYR A 57 8.08 -4.34 0.94
C TYR A 57 9.45 -3.68 0.81
N ILE A 58 9.55 -2.41 1.21
CA ILE A 58 10.83 -1.69 1.19
C ILE A 58 11.82 -2.36 2.14
N TYR A 59 11.28 -2.89 3.25
CA TYR A 59 12.08 -3.61 4.22
C TYR A 59 12.67 -4.90 3.63
N THR A 60 11.85 -5.64 2.88
CA THR A 60 12.29 -6.85 2.18
C THR A 60 13.36 -6.51 1.14
N ALA A 61 13.06 -5.52 0.30
CA ALA A 61 13.96 -5.06 -0.75
C ALA A 61 15.26 -4.52 -0.16
N GLY A 62 15.14 -3.82 0.97
CA GLY A 62 16.28 -3.24 1.65
C GLY A 62 17.31 -4.27 2.08
N LYS A 63 16.82 -5.36 2.66
CA LYS A 63 17.69 -6.46 3.08
C LYS A 63 18.45 -7.05 1.90
N CYS A 64 17.89 -6.91 0.71
CA CYS A 64 18.51 -7.42 -0.51
C CYS A 64 19.31 -6.35 -1.26
N GLY A 65 19.51 -5.19 -0.62
CA GLY A 65 20.37 -4.15 -1.18
C GLY A 65 19.70 -3.07 -2.02
N LEU A 66 18.39 -3.18 -2.25
CA LEU A 66 17.68 -2.14 -2.99
C LEU A 66 17.55 -0.88 -2.15
N VAL A 67 17.44 0.26 -2.80
CA VAL A 67 17.41 1.55 -2.10
C VAL A 67 16.23 2.44 -2.51
N PRO A 68 15.72 3.25 -1.56
CA PRO A 68 14.66 4.21 -1.86
C PRO A 68 15.19 5.36 -2.70
N VAL A 69 14.42 5.76 -3.71
CA VAL A 69 14.86 6.74 -4.69
C VAL A 69 14.03 8.03 -4.77
N LEU A 70 12.72 7.88 -4.65
CA LEU A 70 11.79 9.00 -4.54
C LEU A 70 10.57 8.50 -3.77
N ALA A 71 9.89 9.40 -3.06
CA ALA A 71 8.74 9.00 -2.26
C ALA A 71 7.44 9.64 -2.75
N GLU A 72 6.34 8.90 -2.65
CA GLU A 72 5.01 9.46 -2.91
C GLU A 72 4.81 10.61 -1.94
N ASN A 73 4.30 11.72 -2.46
CA ASN A 73 3.98 12.87 -1.62
C ASN A 73 2.56 13.28 -1.92
N ARG A 74 1.75 13.43 -0.87
CA ARG A 74 0.35 13.79 -1.04
C ARG A 74 0.11 15.23 -0.59
N LYS A 75 -1.15 15.65 -0.62
CA LYS A 75 -1.56 16.99 -0.18
C LYS A 75 -1.13 17.25 1.25
N SER A 76 -0.41 18.34 1.46
CA SER A 76 0.05 18.73 2.78
C SER A 76 -0.91 19.77 3.39
N SER A 77 -0.49 20.31 4.53
CA SER A 77 -1.18 21.41 5.18
C SER A 77 -0.13 22.48 5.46
N LYS A 78 0.98 22.06 6.09
CA LYS A 78 2.12 22.96 6.31
C LYS A 78 3.07 22.91 5.12
N HIS A 79 4.27 23.46 5.31
CA HIS A 79 5.29 23.47 4.24
C HIS A 79 4.72 23.99 2.91
N SER A 80 3.58 24.68 2.97
CA SER A 80 2.82 25.05 1.76
C SER A 80 3.54 25.99 0.77
N SER A 81 4.59 26.66 1.21
CA SER A 81 5.38 27.51 0.32
C SER A 81 6.29 26.67 -0.56
N LEU A 82 6.96 25.70 0.08
CA LEU A 82 7.92 24.82 -0.57
C LEU A 82 7.26 23.93 -1.62
N ASP A 83 7.97 23.70 -2.72
CA ASP A 83 7.46 22.89 -3.84
C ASP A 83 7.26 21.43 -3.44
N CYS A 84 6.31 20.77 -4.09
CA CYS A 84 5.98 19.36 -3.80
C CYS A 84 7.18 18.43 -3.84
N VAL A 85 7.98 18.54 -4.91
CA VAL A 85 9.13 17.66 -5.10
C VAL A 85 10.20 17.86 -4.01
N LEU A 86 10.20 19.03 -3.37
CA LEU A 86 11.17 19.34 -2.32
C LEU A 86 10.60 19.18 -0.91
N ARG A 87 9.27 19.19 -0.82
CA ARG A 87 8.56 19.08 0.45
C ARG A 87 8.82 17.73 1.13
N PRO A 88 8.98 17.73 2.47
CA PRO A 88 9.20 16.49 3.21
C PRO A 88 7.92 15.67 3.25
N THR A 89 8.05 14.36 3.38
CA THR A 89 6.89 13.48 3.45
C THR A 89 6.35 13.41 4.87
N GLU A 90 5.03 13.28 5.00
CA GLU A 90 4.38 13.27 6.32
C GLU A 90 3.95 11.90 6.81
N GLY A 91 3.94 10.92 5.92
CA GLY A 91 3.52 9.56 6.25
C GLY A 91 2.02 9.44 6.50
N TYR A 92 1.47 8.26 6.25
CA TYR A 92 0.03 8.09 6.39
C TYR A 92 -0.38 7.40 7.69
N LEU A 93 -1.65 7.53 8.04
CA LEU A 93 -2.17 6.95 9.28
C LEU A 93 -2.78 5.58 9.04
N ALA A 94 -2.22 4.57 9.70
CA ALA A 94 -2.77 3.22 9.66
C ALA A 94 -3.94 3.16 10.63
N VAL A 95 -5.10 2.73 10.15
CA VAL A 95 -6.30 2.65 10.99
C VAL A 95 -7.02 1.30 10.86
N ALA A 96 -7.89 1.03 11.83
CA ALA A 96 -8.75 -0.14 11.80
C ALA A 96 -10.18 0.38 11.71
N VAL A 97 -10.91 -0.07 10.69
CA VAL A 97 -12.24 0.46 10.38
C VAL A 97 -13.31 -0.61 10.53
N VAL A 98 -14.43 -0.24 11.16
CA VAL A 98 -15.58 -1.12 11.33
C VAL A 98 -16.87 -0.41 10.94
N LYS A 99 -17.96 -1.16 10.82
CA LYS A 99 -19.27 -0.57 10.57
C LYS A 99 -19.83 -0.01 11.87
N LYS A 100 -20.47 1.16 11.80
CA LYS A 100 -21.12 1.74 12.96
C LYS A 100 -22.21 0.80 13.49
N ALA A 101 -22.98 0.23 12.56
CA ALA A 101 -24.04 -0.73 12.88
C ALA A 101 -23.52 -1.92 13.68
N ASN A 102 -22.22 -2.17 13.58
CA ASN A 102 -21.55 -3.23 14.33
C ASN A 102 -21.15 -2.74 15.71
N GLU A 103 -22.16 -2.51 16.55
CA GLU A 103 -21.97 -1.96 17.89
C GLU A 103 -21.27 -2.93 18.83
N GLY A 104 -20.52 -2.39 19.78
CA GLY A 104 -19.83 -3.20 20.78
C GLY A 104 -18.57 -3.90 20.28
N LEU A 105 -18.23 -3.69 19.01
CA LEU A 105 -16.97 -4.19 18.49
C LEU A 105 -15.89 -3.15 18.77
N THR A 106 -14.91 -3.55 19.59
CA THR A 106 -13.80 -2.66 19.92
C THR A 106 -12.50 -3.37 19.62
N TRP A 107 -11.39 -2.70 19.91
CA TRP A 107 -10.08 -3.30 19.76
C TRP A 107 -9.93 -4.56 20.62
N ASN A 108 -10.54 -4.52 21.81
CA ASN A 108 -10.45 -5.61 22.79
C ASN A 108 -11.37 -6.80 22.49
N SER A 109 -12.23 -6.66 21.49
CA SER A 109 -13.15 -7.74 21.14
C SER A 109 -12.98 -8.16 19.68
N LEU A 110 -11.74 -8.08 19.20
CA LEU A 110 -11.42 -8.44 17.83
C LEU A 110 -11.22 -9.94 17.64
N LYS A 111 -10.88 -10.65 18.71
CA LYS A 111 -10.65 -12.08 18.62
C LYS A 111 -11.88 -12.82 18.07
N ASP A 112 -11.62 -13.75 17.14
CA ASP A 112 -12.65 -14.57 16.49
C ASP A 112 -13.53 -13.82 15.51
N LYS A 113 -13.22 -12.55 15.27
CA LYS A 113 -13.98 -11.77 14.29
C LYS A 113 -13.38 -11.98 12.89
N LYS A 114 -13.99 -11.37 11.88
CA LYS A 114 -13.52 -11.51 10.50
C LYS A 114 -12.74 -10.29 10.05
N SER A 115 -11.54 -10.51 9.51
CA SER A 115 -10.64 -9.40 9.16
C SER A 115 -10.33 -9.25 7.67
N CYS A 116 -10.15 -8.00 7.24
CA CYS A 116 -9.79 -7.67 5.86
C CYS A 116 -8.44 -6.95 5.86
N HIS A 117 -7.46 -7.52 5.18
CA HIS A 117 -6.10 -6.98 5.11
C HIS A 117 -5.75 -6.60 3.67
N THR A 118 -4.88 -5.60 3.51
CA THR A 118 -4.45 -5.18 2.18
C THR A 118 -3.69 -6.31 1.49
N ALA A 119 -2.78 -6.92 2.24
CA ALA A 119 -1.98 -8.06 1.79
C ALA A 119 -0.95 -8.35 2.86
N VAL A 120 -0.51 -9.60 2.94
CA VAL A 120 0.56 -10.01 3.85
C VAL A 120 1.79 -9.14 3.58
N ASP A 121 2.49 -8.75 4.64
CA ASP A 121 3.74 -7.99 4.56
C ASP A 121 3.61 -6.48 4.31
N ARG A 122 2.38 -5.98 4.21
CA ARG A 122 2.19 -4.54 4.00
C ARG A 122 2.02 -3.81 5.33
N THR A 123 2.30 -2.51 5.33
CA THR A 123 2.34 -1.73 6.58
C THR A 123 1.00 -1.64 7.35
N ALA A 124 0.02 -0.97 6.76
CA ALA A 124 -1.27 -0.77 7.43
C ALA A 124 -2.11 -2.04 7.44
N GLY A 125 -1.98 -2.84 6.39
CA GLY A 125 -2.79 -4.05 6.26
C GLY A 125 -2.31 -5.25 7.06
N TRP A 126 -1.05 -5.24 7.48
CA TRP A 126 -0.49 -6.42 8.12
C TRP A 126 0.49 -6.12 9.25
N ASN A 127 1.64 -5.54 8.89
CA ASN A 127 2.74 -5.35 9.83
C ASN A 127 2.35 -4.65 11.13
N ILE A 128 1.65 -3.53 11.02
CA ILE A 128 1.20 -2.76 12.19
C ILE A 128 0.17 -3.54 13.01
N PRO A 129 -0.97 -3.93 12.39
CA PRO A 129 -2.01 -4.60 13.18
C PRO A 129 -1.60 -5.95 13.76
N MET A 130 -0.92 -6.78 12.97
CA MET A 130 -0.48 -8.10 13.44
C MET A 130 0.66 -8.02 14.45
N GLY A 131 1.50 -6.99 14.32
CA GLY A 131 2.56 -6.72 15.28
C GLY A 131 2.00 -6.37 16.63
N LEU A 132 0.98 -5.52 16.63
CA LEU A 132 0.25 -5.15 17.86
C LEU A 132 -0.44 -6.36 18.48
N ILE A 133 -1.09 -7.17 17.64
CA ILE A 133 -1.82 -8.35 18.11
C ILE A 133 -0.88 -9.41 18.70
N VAL A 134 0.22 -9.70 18.00
CA VAL A 134 1.21 -10.67 18.50
C VAL A 134 1.74 -10.24 19.87
N ASN A 135 2.02 -8.96 19.99
CA ASN A 135 2.52 -8.35 21.20
C ASN A 135 1.52 -8.50 22.35
N GLN A 136 0.28 -8.11 22.10
CA GLN A 136 -0.78 -8.14 23.09
C GLN A 136 -1.13 -9.54 23.56
N THR A 137 -1.12 -10.49 22.64
CA THR A 137 -1.47 -11.87 22.98
C THR A 137 -0.27 -12.70 23.43
N GLY A 138 0.94 -12.16 23.24
CA GLY A 138 2.16 -12.89 23.58
C GLY A 138 2.28 -14.21 22.86
N SER A 139 1.71 -14.27 21.65
CA SER A 139 1.69 -15.49 20.85
C SER A 139 1.99 -15.22 19.38
N CYS A 140 2.76 -16.13 18.77
CA CYS A 140 3.10 -16.05 17.36
C CYS A 140 2.00 -16.63 16.47
N ALA A 141 0.97 -17.19 17.10
CA ALA A 141 -0.15 -17.78 16.38
C ALA A 141 -1.08 -16.64 16.02
N PHE A 142 -0.61 -15.74 15.15
CA PHE A 142 -1.43 -14.68 14.58
C PHE A 142 -2.42 -15.22 13.54
N ASP A 143 -2.16 -16.45 13.11
CA ASP A 143 -2.99 -17.14 12.12
C ASP A 143 -4.24 -17.75 12.73
N GLU A 144 -4.40 -17.60 14.04
CA GLU A 144 -5.52 -18.20 14.75
C GLU A 144 -6.31 -17.16 15.55
N PHE A 145 -5.97 -15.89 15.36
CA PHE A 145 -6.62 -14.80 16.08
C PHE A 145 -8.01 -14.52 15.54
N PHE A 146 -8.09 -14.27 14.23
CA PHE A 146 -9.36 -14.03 13.57
C PHE A 146 -9.94 -15.36 13.10
N SER A 147 -11.26 -15.51 13.14
CA SER A 147 -11.90 -16.72 12.67
C SER A 147 -11.62 -16.94 11.19
N GLN A 148 -11.86 -15.89 10.38
CA GLN A 148 -11.59 -15.91 8.95
C GLN A 148 -11.06 -14.56 8.50
N SER A 149 -10.30 -14.54 7.41
CA SER A 149 -9.72 -13.30 6.88
C SER A 149 -9.54 -13.36 5.37
N CYS A 150 -9.28 -12.19 4.79
CA CYS A 150 -8.72 -12.12 3.45
C CYS A 150 -7.42 -11.35 3.61
N ALA A 151 -6.32 -12.10 3.58
CA ALA A 151 -4.99 -11.54 3.66
C ALA A 151 -4.21 -12.03 2.44
N PRO A 152 -4.35 -11.32 1.30
CA PRO A 152 -3.67 -11.74 0.08
C PRO A 152 -2.20 -12.06 0.32
N GLY A 153 -1.75 -13.21 -0.20
CA GLY A 153 -0.38 -13.66 0.00
C GLY A 153 -0.26 -14.84 0.94
N ALA A 154 -1.26 -15.06 1.78
CA ALA A 154 -1.29 -16.23 2.67
C ALA A 154 -1.64 -17.48 1.87
N ASP A 155 -1.55 -18.64 2.52
CA ASP A 155 -1.90 -19.93 1.91
C ASP A 155 -3.38 -19.93 1.52
N PRO A 156 -3.69 -20.12 0.23
CA PRO A 156 -5.07 -20.10 -0.26
C PRO A 156 -6.03 -21.07 0.43
N LYS A 157 -5.49 -22.09 1.09
CA LYS A 157 -6.33 -23.08 1.79
C LYS A 157 -6.40 -22.85 3.30
N SER A 158 -5.78 -21.77 3.77
CA SER A 158 -5.82 -21.43 5.18
C SER A 158 -7.00 -20.50 5.47
N ARG A 159 -7.36 -20.36 6.74
CA ARG A 159 -8.43 -19.44 7.14
C ARG A 159 -8.10 -17.99 6.81
N LEU A 160 -6.81 -17.68 6.67
CA LEU A 160 -6.35 -16.34 6.31
C LEU A 160 -6.75 -15.94 4.89
N CYS A 161 -7.17 -16.91 4.09
CA CYS A 161 -7.60 -16.65 2.71
C CYS A 161 -9.08 -16.95 2.49
N ALA A 162 -9.76 -17.45 3.52
CA ALA A 162 -11.15 -17.89 3.42
C ALA A 162 -12.11 -16.84 2.85
N LEU A 163 -11.87 -15.58 3.17
CA LEU A 163 -12.77 -14.50 2.75
C LEU A 163 -12.44 -13.92 1.38
N CYS A 164 -11.22 -14.15 0.91
CA CYS A 164 -10.82 -13.66 -0.42
C CYS A 164 -11.68 -14.28 -1.51
N ALA A 165 -11.93 -13.52 -2.57
CA ALA A 165 -12.89 -13.92 -3.61
C ALA A 165 -12.29 -14.23 -4.98
N GLY A 166 -11.03 -13.85 -5.21
CA GLY A 166 -10.40 -14.05 -6.51
C GLY A 166 -10.89 -13.06 -7.55
N ASP A 167 -10.74 -13.40 -8.83
CA ASP A 167 -11.13 -12.49 -9.92
C ASP A 167 -12.58 -12.66 -10.37
N ASP A 168 -12.91 -12.03 -11.49
CA ASP A 168 -14.25 -12.08 -12.08
C ASP A 168 -14.76 -13.52 -12.27
N GLN A 169 -13.86 -14.48 -12.13
CA GLN A 169 -14.16 -15.90 -12.34
C GLN A 169 -13.91 -16.80 -11.15
N GLY A 170 -13.42 -16.24 -10.04
CA GLY A 170 -13.06 -17.05 -8.87
C GLY A 170 -11.67 -17.68 -8.99
N LEU A 171 -10.95 -17.31 -10.04
CA LEU A 171 -9.56 -17.69 -10.21
C LEU A 171 -8.69 -16.73 -9.44
N ASP A 172 -7.46 -17.15 -9.13
CA ASP A 172 -6.48 -16.30 -8.45
C ASP A 172 -6.90 -15.91 -7.03
N LYS A 173 -7.69 -16.75 -6.38
CA LYS A 173 -8.13 -16.51 -5.01
C LYS A 173 -6.91 -16.25 -4.12
N CYS A 174 -6.90 -15.09 -3.47
CA CYS A 174 -5.87 -14.72 -2.49
C CYS A 174 -4.49 -14.33 -3.08
N VAL A 175 -4.39 -14.16 -4.40
CA VAL A 175 -3.13 -13.69 -4.98
C VAL A 175 -2.85 -12.26 -4.54
N PRO A 176 -1.58 -11.94 -4.24
CA PRO A 176 -1.31 -10.56 -3.83
C PRO A 176 -1.12 -9.58 -5.00
N ASN A 177 -2.14 -9.46 -5.83
CA ASN A 177 -2.21 -8.43 -6.88
C ASN A 177 -3.67 -8.05 -7.11
N SER A 178 -3.89 -7.01 -7.90
CA SER A 178 -5.23 -6.46 -8.12
C SER A 178 -6.25 -7.41 -8.78
N LYS A 179 -5.81 -8.61 -9.19
CA LYS A 179 -6.76 -9.61 -9.69
C LYS A 179 -7.68 -10.08 -8.58
N GLU A 180 -7.14 -10.19 -7.37
CA GLU A 180 -7.92 -10.50 -6.19
C GLU A 180 -8.82 -9.31 -5.87
N LYS A 181 -10.13 -9.58 -5.85
CA LYS A 181 -11.16 -8.57 -5.61
C LYS A 181 -10.91 -7.73 -4.35
N TYR A 182 -10.46 -8.37 -3.28
CA TYR A 182 -10.25 -7.68 -2.01
C TYR A 182 -8.78 -7.36 -1.70
N TYR A 183 -7.99 -7.15 -2.75
CA TYR A 183 -6.57 -6.81 -2.59
C TYR A 183 -6.34 -5.32 -2.37
N GLY A 184 -5.31 -4.99 -1.59
CA GLY A 184 -4.88 -3.60 -1.40
C GLY A 184 -5.83 -2.76 -0.57
N TYR A 185 -5.52 -1.46 -0.47
CA TYR A 185 -6.32 -0.53 0.32
C TYR A 185 -7.79 -0.55 -0.07
N THR A 186 -8.06 -0.43 -1.37
CA THR A 186 -9.41 -0.38 -1.91
C THR A 186 -10.15 -1.70 -1.72
N GLY A 187 -9.47 -2.81 -2.00
CA GLY A 187 -10.05 -4.14 -1.85
C GLY A 187 -10.39 -4.47 -0.41
N ALA A 188 -9.45 -4.18 0.50
CA ALA A 188 -9.66 -4.40 1.92
C ALA A 188 -10.83 -3.59 2.45
N PHE A 189 -10.96 -2.35 1.98
CA PHE A 189 -12.09 -1.52 2.38
C PHE A 189 -13.41 -2.03 1.79
N ARG A 190 -13.36 -2.53 0.55
CA ARG A 190 -14.55 -3.11 -0.08
C ARG A 190 -15.01 -4.34 0.68
N CYS A 191 -14.05 -5.14 1.13
CA CYS A 191 -14.27 -6.31 1.96
C CYS A 191 -15.09 -5.97 3.20
N LEU A 192 -14.82 -4.81 3.79
CA LEU A 192 -15.59 -4.33 4.93
C LEU A 192 -16.94 -3.78 4.49
N ALA A 193 -16.90 -2.92 3.48
CA ALA A 193 -18.11 -2.28 2.93
C ALA A 193 -19.20 -3.27 2.53
N GLU A 194 -18.79 -4.44 2.05
CA GLU A 194 -19.74 -5.47 1.62
C GLU A 194 -20.11 -6.42 2.77
N ASP A 195 -19.58 -6.14 3.96
CA ASP A 195 -19.86 -6.94 5.16
C ASP A 195 -19.33 -8.37 5.09
N VAL A 196 -18.29 -8.57 4.29
CA VAL A 196 -17.62 -9.87 4.24
C VAL A 196 -16.75 -10.00 5.50
N GLY A 197 -16.11 -8.89 5.86
CA GLY A 197 -15.31 -8.84 7.09
C GLY A 197 -15.91 -7.90 8.12
N ASP A 198 -15.45 -8.03 9.36
CA ASP A 198 -15.90 -7.16 10.45
C ASP A 198 -15.03 -5.91 10.58
N VAL A 199 -13.75 -6.07 10.24
CA VAL A 199 -12.77 -4.99 10.37
C VAL A 199 -11.84 -4.98 9.17
N ALA A 200 -11.49 -3.77 8.73
CA ALA A 200 -10.52 -3.59 7.66
C ALA A 200 -9.33 -2.82 8.19
N PHE A 201 -8.14 -3.27 7.85
CA PHE A 201 -6.91 -2.60 8.23
C PHE A 201 -6.36 -1.87 7.02
N VAL A 202 -6.67 -0.58 6.96
CA VAL A 202 -6.27 0.27 5.84
C VAL A 202 -5.71 1.56 6.41
N LYS A 203 -5.45 2.52 5.55
CA LYS A 203 -4.97 3.82 5.99
C LYS A 203 -6.17 4.76 6.01
N ASN A 204 -6.01 5.90 6.68
CA ASN A 204 -7.06 6.89 6.85
C ASN A 204 -7.67 7.38 5.55
N ASP A 205 -6.83 7.61 4.58
CA ASP A 205 -7.26 8.20 3.29
C ASP A 205 -8.25 7.32 2.53
N THR A 206 -8.06 6.01 2.64
CA THR A 206 -8.91 5.03 1.96
C THR A 206 -10.39 5.23 2.29
N VAL A 207 -10.69 5.45 3.57
CA VAL A 207 -12.06 5.69 4.03
C VAL A 207 -12.67 6.90 3.34
N TRP A 208 -11.94 8.00 3.34
CA TRP A 208 -12.40 9.26 2.75
C TRP A 208 -12.61 9.20 1.24
N GLU A 209 -11.70 8.51 0.56
CA GLU A 209 -11.70 8.46 -0.90
C GLU A 209 -12.75 7.51 -1.48
N ASN A 210 -13.37 6.70 -0.63
CA ASN A 210 -14.36 5.73 -1.10
C ASN A 210 -15.73 5.89 -0.43
N THR A 211 -16.02 7.09 0.07
CA THR A 211 -17.28 7.39 0.72
C THR A 211 -17.84 8.73 0.28
N ASN A 212 -19.14 8.93 0.50
CA ASN A 212 -19.83 10.18 0.21
C ASN A 212 -19.64 10.68 -1.22
N GLY A 213 -19.66 9.75 -2.18
CA GLY A 213 -19.57 10.10 -3.60
C GLY A 213 -18.19 10.38 -4.16
N GLU A 214 -17.14 10.19 -3.37
CA GLU A 214 -15.77 10.40 -3.85
C GLU A 214 -15.35 9.33 -4.86
N SER A 215 -15.95 8.15 -4.73
CA SER A 215 -15.77 7.06 -5.67
C SER A 215 -17.09 6.80 -6.37
N THR A 216 -17.06 6.69 -7.69
CA THR A 216 -18.27 6.39 -8.45
C THR A 216 -18.42 4.89 -8.69
N ALA A 217 -17.50 4.11 -8.12
CA ALA A 217 -17.52 2.65 -8.25
C ALA A 217 -18.80 2.06 -7.67
N ASP A 218 -19.29 1.02 -8.34
CA ASP A 218 -20.55 0.35 -8.02
C ASP A 218 -20.80 0.13 -6.53
N TRP A 219 -19.82 -0.48 -5.86
CA TRP A 219 -19.93 -0.86 -4.45
C TRP A 219 -19.76 0.32 -3.49
N ALA A 220 -19.17 1.42 -3.97
CA ALA A 220 -18.80 2.55 -3.10
C ALA A 220 -19.69 3.78 -3.22
N LYS A 221 -20.39 3.93 -4.34
CA LYS A 221 -21.22 5.12 -4.60
C LYS A 221 -22.25 5.47 -3.52
N ASN A 222 -22.66 4.46 -2.75
CA ASN A 222 -23.72 4.64 -1.75
C ASN A 222 -23.20 4.66 -0.30
N LEU A 223 -21.88 4.60 -0.13
CA LEU A 223 -21.29 4.57 1.20
C LEU A 223 -21.17 5.95 1.83
N LYS A 224 -21.52 6.04 3.12
CA LYS A 224 -21.45 7.28 3.87
C LYS A 224 -20.44 7.17 5.01
N ARG A 225 -19.61 8.20 5.17
CA ARG A 225 -18.60 8.27 6.24
C ARG A 225 -19.16 7.97 7.62
N GLU A 226 -20.35 8.54 7.89
CA GLU A 226 -21.02 8.40 9.18
C GLU A 226 -21.29 6.94 9.55
N ASP A 227 -21.39 6.07 8.55
CA ASP A 227 -21.67 4.65 8.80
C ASP A 227 -20.44 3.84 9.22
N PHE A 228 -19.29 4.52 9.34
CA PHE A 228 -18.04 3.86 9.73
C PHE A 228 -17.44 4.44 11.01
N ARG A 229 -16.71 3.59 11.72
CA ARG A 229 -16.02 3.97 12.95
C ARG A 229 -14.59 3.45 12.96
N LEU A 230 -13.69 4.21 13.59
CA LEU A 230 -12.31 3.80 13.75
C LEU A 230 -12.11 3.19 15.13
N LEU A 231 -11.36 2.10 15.19
CA LEU A 231 -11.04 1.46 16.46
C LEU A 231 -9.74 2.04 17.01
N CYS A 232 -9.81 2.63 18.20
CA CYS A 232 -8.63 3.18 18.86
C CYS A 232 -8.04 2.15 19.80
N LEU A 233 -6.76 2.32 20.11
CA LEU A 233 -6.04 1.36 20.96
C LEU A 233 -6.50 1.38 22.43
N ASP A 234 -7.20 2.44 22.83
CA ASP A 234 -7.69 2.54 24.21
C ASP A 234 -9.06 1.88 24.41
N GLY A 235 -9.56 1.19 23.39
CA GLY A 235 -10.83 0.49 23.48
C GLY A 235 -12.04 1.31 23.04
N THR A 236 -11.82 2.56 22.66
CA THR A 236 -12.91 3.43 22.22
C THR A 236 -13.12 3.38 20.70
N ARG A 237 -14.28 3.87 20.26
CA ARG A 237 -14.62 3.98 18.85
C ARG A 237 -14.86 5.45 18.53
N LYS A 238 -14.30 5.94 17.43
CA LYS A 238 -14.46 7.35 17.08
C LYS A 238 -14.89 7.55 15.63
N PRO A 239 -15.54 8.68 15.31
CA PRO A 239 -15.83 8.92 13.90
C PRO A 239 -14.54 9.07 13.09
N VAL A 240 -14.64 8.81 11.79
CA VAL A 240 -13.49 8.81 10.90
C VAL A 240 -12.78 10.16 10.81
N THR A 241 -13.41 11.21 11.35
CA THR A 241 -12.81 12.55 11.38
C THR A 241 -11.73 12.67 12.47
N GLU A 242 -11.67 11.70 13.37
CA GLU A 242 -10.75 11.75 14.51
C GLU A 242 -9.51 10.86 14.33
N ALA A 243 -9.13 10.59 13.08
CA ALA A 243 -7.99 9.72 12.81
C ALA A 243 -6.71 10.20 13.48
N GLN A 244 -6.54 11.51 13.58
CA GLN A 244 -5.34 12.07 14.20
C GLN A 244 -5.18 11.62 15.66
N SER A 245 -6.30 11.30 16.32
CA SER A 245 -6.25 10.84 17.71
C SER A 245 -6.67 9.38 17.89
N CYS A 246 -6.88 8.67 16.78
CA CYS A 246 -7.36 7.28 16.83
C CYS A 246 -6.78 6.44 15.68
N HIS A 247 -5.46 6.31 15.65
CA HIS A 247 -4.76 5.50 14.65
C HIS A 247 -3.88 4.47 15.34
N LEU A 248 -3.44 3.46 14.59
CA LEU A 248 -2.60 2.41 15.14
C LEU A 248 -1.12 2.77 15.04
N ALA A 249 -0.78 3.59 14.05
CA ALA A 249 0.59 4.03 13.82
C ALA A 249 0.63 5.01 12.67
N VAL A 250 1.75 5.73 12.55
CA VAL A 250 2.01 6.56 11.40
C VAL A 250 2.94 5.75 10.50
N ALA A 251 2.59 5.62 9.23
CA ALA A 251 3.35 4.76 8.31
C ALA A 251 4.21 5.57 7.35
N PRO A 252 5.44 5.10 7.06
CA PRO A 252 6.22 5.83 6.06
C PRO A 252 5.62 5.64 4.66
N ASN A 253 5.64 6.70 3.87
CA ASN A 253 5.04 6.70 2.54
C ASN A 253 5.63 5.63 1.62
N HIS A 254 4.82 5.22 0.64
CA HIS A 254 5.27 4.32 -0.40
C HIS A 254 6.38 5.02 -1.18
N ALA A 255 7.39 4.27 -1.58
CA ALA A 255 8.53 4.86 -2.27
C ALA A 255 9.01 4.00 -3.44
N VAL A 256 9.63 4.68 -4.40
CA VAL A 256 10.25 4.02 -5.53
C VAL A 256 11.58 3.44 -5.06
N VAL A 257 11.80 2.17 -5.35
CA VAL A 257 13.07 1.54 -5.03
C VAL A 257 13.73 1.04 -6.31
N SER A 258 15.06 0.98 -6.28
CA SER A 258 15.82 0.46 -7.40
C SER A 258 17.10 -0.11 -6.84
N ARG A 259 17.86 -0.79 -7.71
CA ARG A 259 19.18 -1.25 -7.32
C ARG A 259 20.04 -0.01 -7.16
N SER A 260 20.92 -0.02 -6.17
CA SER A 260 21.76 1.14 -5.86
C SER A 260 22.55 1.67 -7.05
N ASP A 261 23.10 0.76 -7.85
CA ASP A 261 23.90 1.15 -9.01
C ASP A 261 23.07 1.74 -10.15
N ARG A 262 21.74 1.73 -10.00
CA ARG A 262 20.83 2.28 -11.00
C ARG A 262 20.03 3.45 -10.47
N ALA A 263 20.20 3.75 -9.18
CA ALA A 263 19.42 4.77 -8.46
C ALA A 263 19.42 6.15 -9.11
N ALA A 264 20.60 6.64 -9.50
CA ALA A 264 20.73 7.97 -10.08
C ALA A 264 20.03 8.10 -11.43
N HIS A 265 20.12 7.06 -12.23
CA HIS A 265 19.51 7.02 -13.53
C HIS A 265 17.98 6.96 -13.40
N VAL A 266 17.47 6.13 -12.52
CA VAL A 266 16.04 6.00 -12.28
C VAL A 266 15.46 7.34 -11.81
N GLU A 267 16.18 8.00 -10.91
CA GLU A 267 15.74 9.28 -10.37
C GLU A 267 15.53 10.34 -11.45
N GLN A 268 16.53 10.53 -12.31
CA GLN A 268 16.44 11.58 -13.32
C GLN A 268 15.34 11.33 -14.37
N VAL A 269 15.12 10.06 -14.74
CA VAL A 269 14.07 9.72 -15.69
C VAL A 269 12.70 10.02 -15.08
N LEU A 270 12.50 9.58 -13.83
CA LEU A 270 11.24 9.77 -13.14
C LEU A 270 10.87 11.24 -12.93
N LEU A 271 11.84 12.04 -12.50
CA LEU A 271 11.61 13.48 -12.32
C LEU A 271 11.09 14.10 -13.63
N HIS A 272 11.65 13.66 -14.75
CA HIS A 272 11.22 14.12 -16.07
C HIS A 272 9.86 13.54 -16.47
N GLN A 273 9.64 12.27 -16.14
CA GLN A 273 8.37 11.62 -16.44
C GLN A 273 7.20 12.29 -15.74
N GLN A 274 7.41 12.74 -14.50
CA GLN A 274 6.34 13.38 -13.76
C GLN A 274 6.10 14.82 -14.20
N ALA A 275 7.11 15.44 -14.81
CA ALA A 275 6.96 16.77 -15.39
C ALA A 275 5.97 16.70 -16.55
N LEU A 276 5.96 15.54 -17.22
CA LEU A 276 5.08 15.30 -18.36
C LEU A 276 3.72 14.75 -17.96
N PHE A 277 3.70 13.79 -17.02
CA PHE A 277 2.45 13.08 -16.70
C PHE A 277 1.97 13.23 -15.26
N GLY A 278 2.63 14.07 -14.47
CA GLY A 278 2.24 14.28 -13.07
C GLY A 278 0.98 15.12 -12.90
N LYS A 279 0.74 15.54 -11.66
CA LYS A 279 -0.46 16.30 -11.28
C LYS A 279 -0.76 17.53 -12.15
N ASN A 280 0.27 18.34 -12.40
CA ASN A 280 0.11 19.52 -13.24
C ASN A 280 0.85 19.34 -14.56
N GLY A 281 1.09 18.08 -14.92
CA GLY A 281 1.88 17.71 -16.09
C GLY A 281 1.40 18.27 -17.41
N LYS A 282 2.36 18.42 -18.33
CA LYS A 282 2.10 18.96 -19.67
C LYS A 282 1.07 18.15 -20.43
N ASN A 283 1.10 16.83 -20.28
CA ASN A 283 0.21 15.94 -21.02
C ASN A 283 -0.86 15.24 -20.17
N CYS A 284 -1.04 15.72 -18.95
CA CYS A 284 -2.12 15.26 -18.08
C CYS A 284 -3.00 16.46 -17.75
N PRO A 285 -4.33 16.32 -17.90
CA PRO A 285 -5.11 15.14 -18.24
C PRO A 285 -5.32 14.95 -19.74
N ASP A 286 -4.53 15.65 -20.55
CA ASP A 286 -4.66 15.62 -22.01
C ASP A 286 -4.51 14.22 -22.59
N LYS A 287 -3.33 13.63 -22.38
CA LYS A 287 -3.01 12.33 -22.97
C LYS A 287 -2.74 11.18 -22.00
N PHE A 288 -2.14 11.48 -20.85
CA PHE A 288 -1.91 10.47 -19.84
C PHE A 288 -1.54 11.04 -18.47
N CYS A 289 -2.18 10.49 -17.43
CA CYS A 289 -1.88 10.84 -16.06
C CYS A 289 -1.32 9.65 -15.30
N LEU A 290 -0.08 9.79 -14.86
CA LEU A 290 0.64 8.74 -14.15
C LEU A 290 0.01 8.39 -12.81
N PHE A 291 -0.64 9.37 -12.18
CA PHE A 291 -1.18 9.18 -10.84
C PHE A 291 -2.71 8.97 -10.83
N LYS A 292 -3.26 8.53 -11.96
CA LYS A 292 -4.68 8.22 -12.06
C LYS A 292 -4.91 6.80 -12.57
N SER A 293 -5.94 6.16 -12.02
CA SER A 293 -6.34 4.80 -12.40
C SER A 293 -7.66 4.44 -11.74
N GLU A 294 -8.54 5.44 -11.61
CA GLU A 294 -9.87 5.30 -11.01
C GLU A 294 -9.96 4.56 -9.66
N THR A 295 -9.29 5.10 -8.65
CA THR A 295 -9.25 4.54 -7.29
C THR A 295 -8.65 3.15 -7.15
N LYS A 296 -8.10 2.61 -8.25
CA LYS A 296 -7.46 1.30 -8.21
C LYS A 296 -6.02 1.32 -7.70
N ASN A 297 -5.47 2.52 -7.56
CA ASN A 297 -4.09 2.71 -7.10
C ASN A 297 -3.10 1.81 -7.85
N LEU A 298 -3.10 1.93 -9.18
CA LEU A 298 -2.22 1.11 -10.02
C LEU A 298 -0.87 1.81 -10.21
N LEU A 299 0.21 1.09 -9.88
CA LEU A 299 1.59 1.60 -9.95
C LEU A 299 1.91 2.61 -8.84
N PHE A 300 1.02 3.59 -8.69
CA PHE A 300 1.12 4.61 -7.66
C PHE A 300 -0.24 4.80 -7.04
N ASN A 301 -0.27 5.35 -5.83
CA ASN A 301 -1.54 5.72 -5.20
C ASN A 301 -2.18 6.86 -5.95
N ASP A 302 -3.50 6.79 -6.11
CA ASP A 302 -4.24 7.82 -6.84
C ASP A 302 -4.23 9.20 -6.17
N ASN A 303 -3.95 9.26 -4.88
CA ASN A 303 -3.88 10.54 -4.18
C ASN A 303 -2.49 11.18 -4.18
N THR A 304 -1.56 10.61 -4.96
CA THR A 304 -0.20 11.13 -5.06
C THR A 304 -0.17 12.45 -5.83
N GLU A 305 0.36 13.49 -5.19
CA GLU A 305 0.53 14.78 -5.84
C GLU A 305 1.80 14.79 -6.69
N CYS A 306 2.87 14.21 -6.14
CA CYS A 306 4.14 14.14 -6.83
C CYS A 306 5.05 13.12 -6.15
N LEU A 307 6.13 12.76 -6.84
CA LEU A 307 7.20 11.98 -6.24
C LEU A 307 8.24 12.98 -5.77
N ALA A 308 8.63 12.88 -4.50
CA ALA A 308 9.53 13.85 -3.90
C ALA A 308 10.93 13.30 -3.66
N LYS A 309 11.93 14.17 -3.73
CA LYS A 309 13.31 13.81 -3.42
C LYS A 309 13.43 13.52 -1.93
N LEU A 310 14.41 12.68 -1.58
CA LEU A 310 14.58 12.25 -0.19
C LEU A 310 15.74 12.97 0.49
N GLY A 311 15.41 13.74 1.53
CA GLY A 311 16.41 14.48 2.30
C GLY A 311 17.39 13.56 2.99
N GLY A 312 18.67 13.90 2.87
CA GLY A 312 19.74 13.16 3.55
C GLY A 312 20.06 11.79 2.98
N ARG A 313 19.89 11.61 1.67
CA ARG A 313 20.17 10.34 1.00
C ARG A 313 19.98 8.99 1.72
N PRO A 314 18.85 8.84 2.44
CA PRO A 314 18.69 7.81 3.46
C PRO A 314 18.83 6.40 2.93
N THR A 315 19.29 5.51 3.81
CA THR A 315 19.28 4.07 3.55
C THR A 315 17.83 3.65 3.75
N TYR A 316 17.52 2.38 3.52
CA TYR A 316 16.14 1.95 3.72
C TYR A 316 15.74 1.98 5.20
N GLU A 317 16.71 1.76 6.09
CA GLU A 317 16.48 1.77 7.54
C GLU A 317 16.16 3.16 8.05
N GLU A 318 16.85 4.16 7.52
CA GLU A 318 16.64 5.54 7.92
C GLU A 318 15.27 6.05 7.48
N TYR A 319 14.88 5.69 6.26
CA TYR A 319 13.60 6.12 5.72
C TYR A 319 12.44 5.60 6.58
N LEU A 320 12.27 4.28 6.60
CA LEU A 320 11.20 3.66 7.37
C LEU A 320 11.31 4.01 8.86
N GLY A 321 12.50 4.44 9.26
CA GLY A 321 12.74 4.80 10.65
C GLY A 321 13.09 3.60 11.52
N THR A 322 13.63 3.87 12.70
CA THR A 322 14.01 2.82 13.61
C THR A 322 12.81 2.31 14.39
N GLU A 323 11.79 3.15 14.57
CA GLU A 323 10.54 2.77 15.20
C GLU A 323 9.86 1.65 14.39
N TYR A 324 9.60 1.92 13.12
CA TYR A 324 8.94 0.94 12.25
C TYR A 324 9.78 -0.31 12.01
N VAL A 325 11.08 -0.11 11.80
CA VAL A 325 12.00 -1.23 11.52
C VAL A 325 12.01 -2.26 12.65
N THR A 326 11.99 -1.79 13.90
CA THR A 326 12.02 -2.69 15.05
C THR A 326 10.72 -3.49 15.17
N ALA A 327 9.59 -2.87 14.83
CA ALA A 327 8.30 -3.56 14.82
C ALA A 327 8.31 -4.76 13.88
N ILE A 328 8.83 -4.53 12.67
CA ILE A 328 8.90 -5.57 11.63
C ILE A 328 9.78 -6.76 12.03
N ALA A 329 10.94 -6.45 12.61
CA ALA A 329 11.89 -7.49 13.04
C ALA A 329 11.27 -8.42 14.09
N ASN A 330 10.57 -7.82 15.04
CA ASN A 330 9.90 -8.57 16.11
C ASN A 330 8.78 -9.47 15.60
N LEU A 331 7.98 -8.95 14.66
CA LEU A 331 6.91 -9.72 14.06
C LEU A 331 7.47 -10.86 13.22
N LYS A 332 8.60 -10.60 12.57
CA LYS A 332 9.24 -11.59 11.71
C LYS A 332 9.97 -12.70 12.46
N LYS A 333 10.06 -12.59 13.79
CA LYS A 333 10.61 -13.66 14.62
C LYS A 333 9.65 -14.85 14.63
N CYS A 334 8.37 -14.54 14.45
CA CYS A 334 7.30 -15.52 14.43
C CYS A 334 7.26 -16.34 13.14
N SER A 335 7.73 -15.75 12.05
CA SER A 335 7.68 -16.37 10.74
C SER A 335 8.76 -15.82 9.82
N LEU A 340 18.45 -11.98 12.18
CA LEU A 340 18.88 -10.59 12.09
C LEU A 340 19.42 -10.22 10.71
N GLU A 341 20.06 -11.17 10.02
CA GLU A 341 20.91 -10.82 8.86
C GLU A 341 20.82 -11.70 7.58
N ALA A 342 19.81 -11.48 6.72
CA ALA A 342 19.72 -12.21 5.44
C ALA A 342 18.66 -11.63 4.48
N CYS A 343 18.98 -11.65 3.18
CA CYS A 343 18.00 -11.40 2.11
C CYS A 343 17.15 -12.65 1.92
N ALA A 344 15.84 -12.47 1.83
CA ALA A 344 14.88 -13.58 1.83
C ALA A 344 14.75 -14.32 0.49
N PHE A 345 15.76 -14.23 -0.36
CA PHE A 345 15.70 -14.89 -1.67
C PHE A 345 16.98 -15.66 -2.00
C1 NAG B . 6.13 -5.23 20.11
C2 NAG B . 6.23 -3.84 19.50
C3 NAG B . 7.69 -3.39 19.30
C4 NAG B . 8.48 -3.51 20.59
C5 NAG B . 8.32 -4.93 21.04
C6 NAG B . 9.05 -5.09 22.36
C7 NAG B . 4.66 -2.95 18.00
C8 NAG B . 4.01 -2.99 16.68
N2 NAG B . 5.51 -3.89 18.29
O3 NAG B . 7.79 -2.08 18.84
O4 NAG B . 9.84 -3.30 20.33
O5 NAG B . 6.98 -5.29 21.21
O6 NAG B . 8.84 -4.00 23.21
O7 NAG B . 4.37 -2.06 18.76
C1 NAG B . 10.51 -2.23 21.03
C2 NAG B . 12.01 -2.51 21.14
C3 NAG B . 12.77 -1.38 21.85
C4 NAG B . 12.33 0.05 21.52
C5 NAG B . 10.83 0.16 21.21
C6 NAG B . 10.50 1.42 20.43
C7 NAG B . 12.84 -4.82 21.35
C8 NAG B . 12.96 -6.01 22.27
N2 NAG B . 12.23 -3.76 21.86
O3 NAG B . 14.15 -1.53 21.56
O4 NAG B . 12.66 0.82 22.68
O5 NAG B . 10.30 -0.94 20.48
O6 NAG B . 10.76 1.24 19.05
O7 NAG B . 13.30 -4.89 20.21
C1 BMA B . 13.59 1.87 22.50
C2 BMA B . 14.97 1.32 22.56
C3 BMA B . 15.94 2.44 22.82
C4 BMA B . 15.64 3.64 21.93
C5 BMA B . 14.19 4.04 22.02
C6 BMA B . 13.95 5.26 21.18
O2 BMA B . 15.21 0.72 21.33
O3 BMA B . 17.22 1.93 22.59
O4 BMA B . 16.31 4.74 22.39
O5 BMA B . 13.40 2.95 21.63
O6 BMA B . 12.77 5.86 21.63
C1 NAG C . -7.04 11.61 6.08
C2 NAG C . -6.62 13.00 6.56
C3 NAG C . -7.49 14.10 5.92
C4 NAG C . -7.63 13.91 4.41
C5 NAG C . -7.99 12.45 4.09
C6 NAG C . -8.05 12.26 2.56
C7 NAG C . -5.60 13.09 8.72
C8 NAG C . -5.82 13.28 10.16
N2 NAG C . -6.70 13.08 7.99
O3 NAG C . -6.94 15.38 6.16
O4 NAG C . -8.65 14.79 3.88
O5 NAG C . -7.01 11.59 4.66
O6 NAG C . -6.76 12.00 2.06
O7 NAG C . -4.47 12.98 8.25
C1 NAG C . -8.10 15.62 2.83
C2 NAG C . -9.22 16.03 1.85
C3 NAG C . -8.82 17.20 0.94
C4 NAG C . -8.13 18.30 1.73
C5 NAG C . -6.91 17.69 2.39
C6 NAG C . -6.07 18.75 3.11
C7 NAG C . -10.89 14.43 0.96
C8 NAG C . -11.12 13.31 -0.01
N2 NAG C . -9.65 14.93 0.99
O3 NAG C . -9.96 17.70 0.28
O4 NAG C . -7.78 19.37 0.88
O5 NAG C . -7.34 16.71 3.32
O6 NAG C . -5.17 18.13 4.02
O7 NAG C . -11.83 14.84 1.67
ZN ZN D . 22.14 8.58 6.60
ZN ZN E . 0.26 8.57 16.78
FE FE F . 0.95 1.08 2.59
C CO3 G . -0.37 -0.89 3.30
O1 CO3 G . -0.12 -0.69 2.04
O2 CO3 G . 0.13 -0.08 4.18
O3 CO3 G . -1.12 -1.88 3.68
S SO4 H . -20.55 4.36 18.28
O1 SO4 H . -21.05 4.49 16.91
O2 SO4 H . -21.59 4.81 19.22
O3 SO4 H . -20.23 2.96 18.57
O4 SO4 H . -19.36 5.18 18.45
C1 NAG I . 12.97 11.14 -24.43
C2 NAG I . 12.02 12.20 -23.88
C3 NAG I . 12.64 13.54 -24.25
C4 NAG I . 14.09 13.64 -23.76
C5 NAG I . 14.90 12.34 -23.78
C6 NAG I . 16.00 12.36 -22.72
C7 NAG I . 9.63 11.62 -23.62
C8 NAG I . 8.30 11.52 -24.32
N2 NAG I . 10.66 12.03 -24.37
O3 NAG I . 11.88 14.58 -23.69
O4 NAG I . 14.76 14.62 -24.54
O5 NAG I . 14.11 11.17 -23.61
O6 NAG I . 15.50 12.90 -21.51
O7 NAG I . 9.71 11.33 -22.42
C1 LTC J . 7.93 15.92 9.36
O1 LTC J . 7.91 16.54 10.70
C2 LTC J . 7.78 14.38 9.39
O2 LTC J . 8.31 12.29 10.78
C3 LTC J . 8.58 13.71 10.53
O3 LTC J . 9.14 13.84 12.92
C4 LTC J . 8.42 14.50 11.84
O4 LTC J . 8.43 13.92 8.21
C5 LTC J . 8.82 15.98 11.65
O5 LTC J . 6.40 17.84 9.05
C7 LTC J . 6.94 16.63 8.42
O9 LTC J . 12.69 15.31 7.09
O10 LTC J . 11.15 15.87 8.72
C11 LTC J . 15.94 8.96 16.03
O11 LTC J . 10.17 16.10 11.17
C12 LTC J . 15.53 7.73 15.24
O12 LTC J . 11.35 18.70 7.42
C13 LTC J . 15.06 8.16 13.83
O13 LTC J . 10.91 20.85 6.73
C14 LTC J . 14.46 7.00 13.01
C15 LTC J . 15.41 6.42 11.98
C16 LTC J . 16.17 7.45 11.12
C17 LTC J . 15.24 8.27 10.25
C18 LTC J . 16.09 9.27 9.49
C19 LTC J . 15.29 10.25 8.61
C20 LTC J . 14.25 11.00 9.43
C21 LTC J . 14.71 12.38 9.91
C22 LTC J . 13.75 12.98 10.93
C23 LTC J . 12.89 14.15 10.39
C24 LTC J . 13.56 15.02 9.31
C25 LTC J . 12.49 15.43 8.30
C26 LTC J . 10.88 17.24 9.12
C27 LTC J . 10.59 17.37 10.62
C28 LTC J . 11.97 18.20 8.61
C29 LTC J . 11.69 19.89 6.68
C30 LTC J . 12.93 19.87 5.82
C31 LTC J . 13.04 21.13 4.93
C32 LTC J . 14.38 20.97 4.21
C33 LTC J . 14.98 22.31 3.80
C34 LTC J . 16.51 22.25 3.70
C35 LTC J . 16.90 21.92 2.27
C41 LTC J . 6.90 10.07 8.23
O41 LTC J . 7.30 11.28 8.93
C42 LTC J . 7.80 8.84 8.30
N42 LTC J . 6.97 7.82 8.94
O42 LTC J . 9.60 7.66 9.40
C43 LTC J . 9.11 8.98 9.08
C44 LTC J . 8.91 9.92 10.29
N44 LTC J . 10.21 10.18 10.93
C45 LTC J . 8.52 11.32 9.73
C47 LTC J . 5.59 9.71 8.92
C48 LTC J . 10.94 9.25 11.58
O48 LTC J . 10.55 8.12 11.70
C49 LTC J . 12.25 9.73 12.14
#